data_2L2J
#
_entry.id   2L2J
#
_entity_poly.entity_id   1
_entity_poly.type   'polyribonucleotide'
_entity_poly.pdbx_seq_one_letter_code
;GGUAAGGUGGGUGGAAUCCUUCGGGAUCCCACCUACCCUGCC
;
_entity_poly.pdbx_strand_id   A
#